data_7C6W
#
_entry.id   7C6W
#
_cell.length_a   58.110
_cell.length_b   62.600
_cell.length_c   109.020
_cell.angle_alpha   90.000
_cell.angle_beta   90.000
_cell.angle_gamma   90.000
#
_symmetry.space_group_name_H-M   'P 21 21 21'
#
loop_
_entity.id
_entity.type
_entity.pdbx_description
1 polymer 'Sugar ABC transporter, periplasmic sugar-binding protein'
2 branched beta-D-glucopyranose-(1-4)-beta-D-glucopyranose-(1-3)-beta-D-glucopyranose-(1-4)-beta-D-glucopyranose
3 non-polymer 'CHLORIDE ION'
4 non-polymer 'SULFUR DIOXIDE'
5 non-polymer 'CARBONATE ION'
6 non-polymer 1,2-ETHANEDIOL
7 non-polymer 'PHOSPHATE ION'
8 water water
#
_entity_poly.entity_id   1
_entity_poly.type   'polypeptide(L)'
_entity_poly.pdbx_seq_one_letter_code
;MQKTLEVWIMPNSPQPAEDFKALVAPFEKAHGVEVKVTVLDWGVAWTKITTAATSGVGPDLTQLGTTWVGAISAMGVLEP
VDDVLEALGGEKAYLPAVWRTTRLEGARQATAVPWFSELRAFYYRTDALKAAGVNPAEMFASWQGFEAGLARLKASSFRD
PETKAPLAPLCTPGRTPRTLHNAAPWIWGAGGEIVRQAGGRWQSALNSPESLEGLYFFLSLAQKGYVPAESLEKNTAQIE
ADFQAGKCAVFASGPWMIQRAQVPEAKGGFAERTAAKNLGVAPYPAGPKGRYTFFGGSNLALFNFSKNKPLAKELLKYLG
GPEAQVRYAQMTGMLPALRSAWSDPSFQQNPLLRTFIQAAQFGRTYPSLAGWGGVENLAVQHLGMAWDLVAQGRLTREAL
KDLMDKASAAINQALRHHHHHH
;
_entity_poly.pdbx_strand_id   A
#
loop_
_chem_comp.id
_chem_comp.type
_chem_comp.name
_chem_comp.formula
BGC D-saccharide, beta linking beta-D-glucopyranose 'C6 H12 O6'
CL non-polymer 'CHLORIDE ION' 'Cl -1'
CO3 non-polymer 'CARBONATE ION' 'C O3 -2'
EDO non-polymer 1,2-ETHANEDIOL 'C2 H6 O2'
PO4 non-polymer 'PHOSPHATE ION' 'O4 P -3'
SO2 non-polymer 'SULFUR DIOXIDE' 'O2 S'
#
# COMPACT_ATOMS: atom_id res chain seq x y z
N LYS A 3 22.30 26.96 -7.64
CA LYS A 3 22.21 25.69 -8.46
C LYS A 3 21.09 24.85 -7.82
N THR A 4 20.33 24.03 -8.62
CA THR A 4 19.06 23.40 -8.14
C THR A 4 18.85 21.98 -8.69
N LEU A 5 18.57 21.02 -7.82
CA LEU A 5 18.02 19.69 -8.16
C LEU A 5 16.50 19.78 -8.00
N GLU A 6 15.72 19.22 -8.90
CA GLU A 6 14.25 19.15 -8.76
CA GLU A 6 14.23 19.17 -8.79
C GLU A 6 13.85 17.73 -8.43
N VAL A 7 13.01 17.54 -7.39
CA VAL A 7 12.51 16.21 -6.99
C VAL A 7 10.99 16.30 -6.86
N TRP A 8 10.30 15.32 -7.44
CA TRP A 8 8.83 15.19 -7.29
C TRP A 8 8.56 14.12 -6.24
N ILE A 9 7.69 14.38 -5.28
CA ILE A 9 7.33 13.30 -4.35
C ILE A 9 5.80 13.29 -4.26
N MET A 10 5.29 12.33 -3.53
CA MET A 10 3.85 12.23 -3.23
C MET A 10 3.70 12.58 -1.77
N PRO A 11 2.46 12.72 -1.27
CA PRO A 11 2.29 13.25 0.08
C PRO A 11 2.47 12.15 1.12
N ASN A 12 3.73 11.87 1.51
CA ASN A 12 4.09 10.74 2.38
C ASN A 12 3.96 11.07 3.87
N SER A 13 3.68 12.31 4.22
CA SER A 13 3.65 12.78 5.63
C SER A 13 2.76 14.02 5.71
N PRO A 14 2.32 14.41 6.94
CA PRO A 14 1.36 15.48 7.15
C PRO A 14 1.76 16.81 6.46
N GLN A 15 3.02 17.26 6.55
CA GLN A 15 3.52 18.44 5.78
C GLN A 15 4.62 17.91 4.86
N PRO A 16 4.27 17.36 3.69
CA PRO A 16 5.21 16.50 2.96
C PRO A 16 6.44 17.24 2.39
N ALA A 17 6.27 18.49 1.93
CA ALA A 17 7.43 19.21 1.35
C ALA A 17 8.37 19.62 2.51
N GLU A 18 7.82 20.07 3.65
CA GLU A 18 8.64 20.55 4.77
C GLU A 18 9.43 19.36 5.27
N ASP A 19 8.80 18.20 5.43
CA ASP A 19 9.53 17.04 5.95
C ASP A 19 10.60 16.67 4.92
N PHE A 20 10.28 16.68 3.65
CA PHE A 20 11.34 16.30 2.66
C PHE A 20 12.53 17.27 2.71
N LYS A 21 12.25 18.57 2.73
CA LYS A 21 13.31 19.62 2.82
C LYS A 21 14.14 19.43 4.09
N ALA A 22 13.52 19.12 5.24
CA ALA A 22 14.27 18.90 6.51
C ALA A 22 15.21 17.71 6.29
N LEU A 23 14.69 16.69 5.65
CA LEU A 23 15.43 15.42 5.39
C LEU A 23 16.69 15.72 4.57
N VAL A 24 16.62 16.57 3.54
CA VAL A 24 17.75 16.71 2.59
C VAL A 24 18.66 17.88 2.97
N ALA A 25 18.39 18.66 4.01
CA ALA A 25 19.18 19.88 4.34
C ALA A 25 20.65 19.53 4.49
N PRO A 26 21.00 18.42 5.17
CA PRO A 26 22.41 18.04 5.31
C PRO A 26 23.08 17.77 3.96
N PHE A 27 22.36 17.15 3.04
CA PHE A 27 22.90 16.86 1.69
C PHE A 27 23.17 18.18 0.95
N GLU A 28 22.20 19.08 1.01
CA GLU A 28 22.28 20.42 0.38
C GLU A 28 23.53 21.17 0.86
N LYS A 29 23.71 21.23 2.20
CA LYS A 29 24.90 21.86 2.82
C LYS A 29 26.18 21.15 2.41
N ALA A 30 26.22 19.81 2.44
CA ALA A 30 27.46 19.08 2.14
C ALA A 30 27.81 19.19 0.66
N HIS A 31 26.87 19.39 -0.25
CA HIS A 31 27.16 19.33 -1.71
C HIS A 31 26.95 20.68 -2.41
N GLY A 32 26.63 21.78 -1.71
CA GLY A 32 26.53 23.10 -2.35
C GLY A 32 25.43 23.14 -3.39
N VAL A 33 24.28 22.60 -3.04
CA VAL A 33 23.14 22.49 -3.96
C VAL A 33 21.85 22.74 -3.20
N GLU A 34 20.85 23.21 -3.90
CA GLU A 34 19.50 23.46 -3.41
C GLU A 34 18.58 22.40 -4.00
N VAL A 35 17.73 21.80 -3.18
CA VAL A 35 16.78 20.78 -3.69
C VAL A 35 15.40 21.40 -3.73
N LYS A 36 14.81 21.50 -4.89
CA LYS A 36 13.46 22.09 -4.98
C LYS A 36 12.46 20.95 -5.06
N VAL A 37 11.50 20.87 -4.15
CA VAL A 37 10.61 19.68 -4.15
C VAL A 37 9.23 20.14 -4.66
N THR A 38 8.56 19.29 -5.42
CA THR A 38 7.16 19.46 -5.84
C THR A 38 6.37 18.29 -5.32
N VAL A 39 5.23 18.54 -4.69
CA VAL A 39 4.43 17.41 -4.15
C VAL A 39 3.25 17.14 -5.08
N LEU A 40 3.09 15.91 -5.52
CA LEU A 40 1.98 15.49 -6.43
C LEU A 40 1.02 14.60 -5.63
N ASP A 41 -0.28 14.88 -5.67
CA ASP A 41 -1.24 13.98 -4.98
C ASP A 41 -1.21 12.64 -5.65
N TRP A 42 -1.38 11.54 -4.91
CA TRP A 42 -1.34 10.18 -5.51
C TRP A 42 -2.28 10.10 -6.71
N GLY A 43 -3.46 10.69 -6.60
CA GLY A 43 -4.50 10.69 -7.65
C GLY A 43 -3.99 11.17 -9.00
N VAL A 44 -3.09 12.14 -9.05
CA VAL A 44 -2.66 12.79 -10.34
C VAL A 44 -1.19 12.50 -10.69
N ALA A 45 -0.42 11.90 -9.77
CA ALA A 45 1.05 11.75 -9.95
C ALA A 45 1.36 10.94 -11.21
N TRP A 46 0.63 9.83 -11.41
CA TRP A 46 0.81 8.95 -12.58
C TRP A 46 0.77 9.81 -13.87
N THR A 47 -0.24 10.64 -14.02
CA THR A 47 -0.40 11.43 -15.27
C THR A 47 0.79 12.38 -15.45
N LYS A 48 1.20 13.05 -14.38
CA LYS A 48 2.26 14.10 -14.48
C LYS A 48 3.58 13.40 -14.79
N ILE A 49 3.84 12.28 -14.15
CA ILE A 49 5.11 11.51 -14.31
C ILE A 49 5.15 10.98 -15.74
N THR A 50 4.04 10.42 -16.24
CA THR A 50 3.94 9.87 -17.60
C THR A 50 4.15 11.00 -18.58
N THR A 51 3.56 12.20 -18.34
CA THR A 51 3.76 13.36 -19.26
C THR A 51 5.23 13.81 -19.22
N ALA A 52 5.88 13.75 -18.06
CA ALA A 52 7.32 14.08 -17.93
C ALA A 52 8.10 13.09 -18.80
N ALA A 53 7.77 11.81 -18.67
CA ALA A 53 8.47 10.72 -19.40
C ALA A 53 8.39 10.91 -20.92
N THR A 54 7.24 11.24 -21.47
CA THR A 54 7.06 11.30 -22.95
C THR A 54 7.53 12.65 -23.47
N SER A 55 7.55 13.69 -22.64
CA SER A 55 7.83 15.05 -23.13
C SER A 55 9.32 15.36 -22.96
N GLY A 56 10.03 14.72 -22.01
CA GLY A 56 11.42 15.11 -21.72
C GLY A 56 11.50 16.36 -20.88
N VAL A 57 10.38 16.78 -20.32
CA VAL A 57 10.31 17.95 -19.41
C VAL A 57 9.82 17.46 -18.06
N GLY A 58 10.71 17.52 -17.09
CA GLY A 58 10.39 17.04 -15.76
C GLY A 58 11.47 17.36 -14.77
N PRO A 59 11.41 16.69 -13.62
CA PRO A 59 12.41 16.87 -12.56
C PRO A 59 13.65 16.01 -12.83
N ASP A 60 14.62 16.05 -11.92
CA ASP A 60 15.79 15.15 -11.96
C ASP A 60 15.31 13.80 -11.45
N LEU A 61 14.72 13.80 -10.25
CA LEU A 61 14.26 12.58 -9.56
C LEU A 61 12.75 12.63 -9.33
N THR A 62 12.12 11.49 -9.46
CA THR A 62 10.69 11.33 -9.07
C THR A 62 10.59 10.15 -8.11
N GLN A 63 9.73 10.27 -7.11
CA GLN A 63 9.15 9.12 -6.42
C GLN A 63 8.26 8.34 -7.42
N LEU A 64 8.29 7.03 -7.30
CA LEU A 64 7.40 6.10 -8.02
C LEU A 64 6.86 5.12 -7.01
N GLY A 65 5.58 4.86 -7.04
CA GLY A 65 5.03 3.70 -6.34
C GLY A 65 5.69 2.45 -6.89
N THR A 66 6.10 1.54 -6.03
CA THR A 66 6.79 0.31 -6.51
C THR A 66 6.05 -0.33 -7.68
N THR A 67 4.71 -0.32 -7.75
CA THR A 67 3.93 -1.04 -8.78
C THR A 67 4.02 -0.30 -10.14
N TRP A 68 4.55 0.95 -10.15
CA TRP A 68 4.71 1.79 -11.36
C TRP A 68 6.07 1.64 -12.04
N VAL A 69 7.06 1.06 -11.35
CA VAL A 69 8.46 1.09 -11.85
C VAL A 69 8.52 0.42 -13.21
N GLY A 70 7.90 -0.73 -13.36
CA GLY A 70 7.98 -1.46 -14.63
C GLY A 70 7.46 -0.63 -15.80
N ALA A 71 6.32 0.02 -15.63
CA ALA A 71 5.66 0.79 -16.72
C ALA A 71 6.54 1.97 -17.11
N ILE A 72 7.06 2.70 -16.12
CA ILE A 72 7.94 3.85 -16.47
C ILE A 72 9.26 3.34 -17.06
N SER A 73 9.85 2.30 -16.50
CA SER A 73 11.12 1.75 -17.02
C SER A 73 10.96 1.31 -18.49
N ALA A 74 9.83 0.69 -18.85
CA ALA A 74 9.60 0.14 -20.23
C ALA A 74 9.59 1.29 -21.23
N MET A 75 9.38 2.54 -20.80
CA MET A 75 9.34 3.73 -21.70
C MET A 75 10.76 4.15 -22.11
N GLY A 76 11.80 3.60 -21.48
CA GLY A 76 13.21 3.88 -21.86
C GLY A 76 13.70 5.27 -21.42
N VAL A 77 13.13 5.84 -20.34
CA VAL A 77 13.42 7.24 -19.89
C VAL A 77 14.16 7.24 -18.55
N LEU A 78 14.45 6.10 -17.92
CA LEU A 78 15.12 6.09 -16.59
C LEU A 78 16.60 5.74 -16.72
N GLU A 79 17.41 6.46 -15.98
CA GLU A 79 18.87 6.24 -15.95
C GLU A 79 19.10 4.94 -15.19
N PRO A 80 20.04 4.08 -15.62
CA PRO A 80 20.43 2.94 -14.81
C PRO A 80 21.02 3.39 -13.46
N VAL A 81 20.68 2.67 -12.40
CA VAL A 81 21.13 2.95 -11.02
C VAL A 81 21.67 1.69 -10.34
N ASP A 82 22.26 0.78 -11.13
CA ASP A 82 22.98 -0.37 -10.51
C ASP A 82 24.15 0.12 -9.64
N ASP A 83 24.83 1.16 -10.06
CA ASP A 83 25.94 1.76 -9.28
C ASP A 83 25.43 2.19 -7.91
N VAL A 84 24.36 2.99 -7.84
CA VAL A 84 23.80 3.47 -6.54
C VAL A 84 23.46 2.24 -5.67
N LEU A 85 22.78 1.25 -6.21
CA LEU A 85 22.34 0.08 -5.42
C LEU A 85 23.58 -0.67 -4.87
N GLU A 86 24.65 -0.80 -5.65
CA GLU A 86 25.91 -1.43 -5.14
C GLU A 86 26.46 -0.65 -3.97
N ALA A 87 26.46 0.67 -4.03
CA ALA A 87 27.05 1.55 -3.01
C ALA A 87 26.21 1.46 -1.75
N LEU A 88 24.92 1.11 -1.89
CA LEU A 88 24.00 0.86 -0.74
C LEU A 88 24.14 -0.56 -0.18
N GLY A 89 24.88 -1.46 -0.82
CA GLY A 89 25.12 -2.83 -0.31
C GLY A 89 24.50 -3.88 -1.23
N GLY A 90 23.87 -3.49 -2.35
CA GLY A 90 23.43 -4.47 -3.35
C GLY A 90 22.27 -5.32 -2.88
N GLU A 91 22.09 -6.48 -3.54
CA GLU A 91 20.86 -7.27 -3.45
C GLU A 91 20.69 -7.74 -2.00
N LYS A 92 21.78 -8.00 -1.31
CA LYS A 92 21.68 -8.61 0.06
C LYS A 92 21.14 -7.56 1.03
N ALA A 93 21.17 -6.25 0.71
CA ALA A 93 20.74 -5.17 1.64
C ALA A 93 19.22 -5.07 1.68
N TYR A 94 18.50 -5.80 0.83
CA TYR A 94 17.04 -5.67 0.70
C TYR A 94 16.32 -7.01 0.76
N LEU A 95 15.10 -7.00 1.30
CA LEU A 95 14.14 -8.11 1.10
C LEU A 95 13.99 -8.36 -0.40
N PRO A 96 13.91 -9.63 -0.83
CA PRO A 96 13.61 -9.92 -2.25
C PRO A 96 12.39 -9.17 -2.80
N ALA A 97 11.34 -9.00 -2.01
CA ALA A 97 10.11 -8.25 -2.35
C ALA A 97 10.42 -6.77 -2.66
N VAL A 98 11.47 -6.21 -2.04
CA VAL A 98 11.92 -4.81 -2.28
C VAL A 98 12.85 -4.81 -3.51
N TRP A 99 13.78 -5.73 -3.61
CA TRP A 99 14.72 -5.83 -4.77
C TRP A 99 14.00 -6.01 -6.11
N ARG A 100 12.88 -6.74 -6.13
CA ARG A 100 12.08 -7.00 -7.35
C ARG A 100 11.55 -5.68 -7.95
N THR A 101 11.37 -4.64 -7.09
CA THR A 101 10.73 -3.35 -7.46
C THR A 101 11.80 -2.40 -8.00
N THR A 102 13.05 -2.81 -8.08
CA THR A 102 14.17 -1.96 -8.57
C THR A 102 14.29 -1.98 -10.10
N ARG A 103 13.52 -2.85 -10.77
CA ARG A 103 13.68 -3.05 -12.23
C ARG A 103 12.34 -3.44 -12.82
N LEU A 104 12.24 -3.26 -14.13
CA LEU A 104 11.25 -4.00 -14.95
C LEU A 104 11.56 -5.51 -14.86
N GLU A 105 10.51 -6.30 -14.70
CA GLU A 105 10.60 -7.81 -14.64
C GLU A 105 11.39 -8.26 -15.88
N GLY A 106 12.52 -8.95 -15.70
CA GLY A 106 13.30 -9.46 -16.82
C GLY A 106 14.39 -8.51 -17.23
N ALA A 107 14.39 -7.27 -16.75
CA ALA A 107 15.42 -6.32 -17.17
C ALA A 107 16.69 -6.70 -16.43
N ARG A 108 17.82 -6.38 -17.01
CA ARG A 108 19.12 -6.74 -16.43
C ARG A 108 19.68 -5.53 -15.70
N GLN A 109 18.97 -4.42 -15.66
CA GLN A 109 19.53 -3.12 -15.21
C GLN A 109 18.53 -2.54 -14.24
N ALA A 110 18.99 -2.05 -13.08
CA ALA A 110 18.15 -1.37 -12.09
C ALA A 110 17.81 0.03 -12.58
N THR A 111 16.55 0.44 -12.44
CA THR A 111 16.03 1.77 -12.86
C THR A 111 15.34 2.50 -11.71
N ALA A 112 15.33 1.94 -10.50
CA ALA A 112 14.76 2.62 -9.31
C ALA A 112 15.49 2.21 -8.05
N VAL A 113 15.59 3.15 -7.11
CA VAL A 113 16.28 2.94 -5.82
C VAL A 113 15.23 2.84 -4.73
N PRO A 114 15.23 1.80 -3.91
CA PRO A 114 14.20 1.67 -2.87
C PRO A 114 14.26 2.84 -1.89
N TRP A 115 13.12 3.43 -1.59
CA TRP A 115 13.05 4.58 -0.68
C TRP A 115 12.41 4.22 0.66
N PHE A 116 11.18 3.74 0.65
CA PHE A 116 10.51 3.23 1.86
C PHE A 116 9.59 2.10 1.43
N SER A 117 9.18 1.33 2.43
N SER A 117 9.26 1.26 2.41
CA SER A 117 8.32 0.15 2.28
CA SER A 117 8.33 0.12 2.29
C SER A 117 7.10 0.33 3.18
C SER A 117 7.07 0.41 3.12
N GLU A 118 6.01 -0.30 2.80
CA GLU A 118 4.77 -0.28 3.59
C GLU A 118 4.07 -1.58 3.29
N LEU A 119 3.32 -2.08 4.28
CA LEU A 119 2.46 -3.24 4.04
C LEU A 119 1.18 -3.00 4.81
N ARG A 120 0.22 -3.84 4.55
CA ARG A 120 -1.16 -3.66 5.07
C ARG A 120 -1.46 -4.64 6.19
N ALA A 121 -2.16 -4.15 7.20
CA ALA A 121 -2.65 -4.98 8.35
C ALA A 121 -3.95 -4.37 8.87
N PHE A 122 -4.54 -5.00 9.86
CA PHE A 122 -5.82 -4.58 10.46
C PHE A 122 -5.57 -3.73 11.69
N TYR A 123 -6.06 -2.49 11.66
CA TYR A 123 -6.27 -1.69 12.88
C TYR A 123 -7.56 -2.16 13.54
N TYR A 124 -7.56 -2.25 14.86
CA TYR A 124 -8.83 -2.55 15.57
C TYR A 124 -8.94 -1.70 16.83
N ARG A 125 -10.18 -1.55 17.26
CA ARG A 125 -10.56 -0.92 18.58
C ARG A 125 -10.43 -1.97 19.70
N THR A 126 -9.41 -1.80 20.54
CA THR A 126 -9.14 -2.71 21.70
C THR A 126 -10.38 -2.68 22.63
N ASP A 127 -11.04 -1.52 22.75
CA ASP A 127 -12.23 -1.27 23.61
C ASP A 127 -13.43 -1.99 22.98
N ALA A 128 -13.58 -1.92 21.65
CA ALA A 128 -14.75 -2.51 20.96
C ALA A 128 -14.64 -4.04 21.05
N LEU A 129 -13.46 -4.62 20.83
CA LEU A 129 -13.25 -6.10 20.83
C LEU A 129 -13.33 -6.66 22.27
N LYS A 130 -12.74 -5.97 23.25
CA LYS A 130 -12.81 -6.39 24.69
C LYS A 130 -14.28 -6.51 25.09
N ALA A 131 -15.08 -5.48 24.79
CA ALA A 131 -16.52 -5.44 25.09
C ALA A 131 -17.26 -6.60 24.39
N ALA A 132 -17.00 -6.85 23.11
CA ALA A 132 -17.77 -7.82 22.30
C ALA A 132 -17.37 -9.26 22.68
N GLY A 133 -16.29 -9.40 23.47
CA GLY A 133 -15.79 -10.67 23.99
C GLY A 133 -14.95 -11.40 22.96
N VAL A 134 -14.34 -10.62 22.07
CA VAL A 134 -13.51 -11.14 20.95
C VAL A 134 -12.05 -11.16 21.38
N ASN A 135 -11.42 -12.33 21.30
CA ASN A 135 -9.95 -12.49 21.48
C ASN A 135 -9.30 -12.13 20.13
N PRO A 136 -8.50 -11.03 20.05
CA PRO A 136 -7.80 -10.70 18.80
C PRO A 136 -6.92 -11.83 18.24
N ALA A 137 -6.18 -12.56 19.07
CA ALA A 137 -5.32 -13.67 18.59
C ALA A 137 -6.17 -14.68 17.81
N GLU A 138 -7.45 -14.85 18.17
CA GLU A 138 -8.38 -15.80 17.50
C GLU A 138 -8.97 -15.14 16.25
N MET A 139 -9.47 -13.89 16.36
CA MET A 139 -10.15 -13.17 15.24
C MET A 139 -9.23 -13.01 14.04
N PHE A 140 -7.93 -12.75 14.26
CA PHE A 140 -6.96 -12.48 13.18
C PHE A 140 -6.09 -13.72 12.89
N ALA A 141 -6.48 -14.92 13.32
CA ALA A 141 -5.68 -16.14 13.02
C ALA A 141 -6.14 -16.79 11.70
N SER A 142 -7.45 -16.75 11.43
CA SER A 142 -8.06 -17.54 10.33
C SER A 142 -9.29 -16.85 9.75
N TRP A 143 -9.69 -17.22 8.54
CA TRP A 143 -10.94 -16.64 7.96
C TRP A 143 -12.11 -16.91 8.91
N GLN A 144 -12.11 -18.13 9.46
CA GLN A 144 -13.16 -18.65 10.37
C GLN A 144 -13.23 -17.72 11.58
N GLY A 145 -12.07 -17.49 12.20
CA GLY A 145 -11.91 -16.59 13.37
C GLY A 145 -12.40 -15.18 13.05
N PHE A 146 -12.02 -14.68 11.89
CA PHE A 146 -12.31 -13.32 11.41
C PHE A 146 -13.83 -13.13 11.36
N GLU A 147 -14.53 -14.07 10.75
CA GLU A 147 -16.00 -14.00 10.60
C GLU A 147 -16.66 -14.06 11.98
N ALA A 148 -16.28 -15.04 12.79
CA ALA A 148 -16.87 -15.29 14.14
C ALA A 148 -16.70 -14.01 14.98
N GLY A 149 -15.54 -13.34 14.83
CA GLY A 149 -15.23 -12.06 15.49
C GLY A 149 -16.09 -10.91 15.02
N LEU A 150 -16.29 -10.76 13.71
CA LEU A 150 -17.20 -9.70 13.16
C LEU A 150 -18.64 -10.00 13.65
N ALA A 151 -19.06 -11.25 13.71
CA ALA A 151 -20.41 -11.65 14.22
C ALA A 151 -20.58 -11.15 15.67
N ARG A 152 -19.57 -11.33 16.54
CA ARG A 152 -19.64 -10.90 17.98
C ARG A 152 -19.67 -9.37 18.04
N LEU A 153 -18.94 -8.69 17.14
CA LEU A 153 -18.87 -7.21 17.01
C LEU A 153 -20.21 -6.63 16.50
N LYS A 154 -20.94 -7.35 15.67
CA LYS A 154 -22.20 -6.82 15.07
C LYS A 154 -23.32 -6.79 16.14
N ALA A 155 -23.28 -7.80 17.02
CA ALA A 155 -24.22 -8.07 18.15
C ALA A 155 -24.00 -7.02 19.25
N SER A 156 -22.74 -6.77 19.61
CA SER A 156 -22.29 -5.92 20.75
C SER A 156 -23.16 -4.67 20.92
N SER A 157 -23.52 -4.34 22.17
CA SER A 157 -24.19 -3.05 22.52
C SER A 157 -23.17 -1.93 22.73
N PHE A 158 -21.87 -2.19 22.61
CA PHE A 158 -20.81 -1.17 22.78
C PHE A 158 -21.14 0.08 21.94
N ARG A 159 -20.72 1.24 22.44
CA ARG A 159 -20.98 2.53 21.75
C ARG A 159 -19.71 3.37 21.88
N ASP A 160 -19.35 4.11 20.83
CA ASP A 160 -18.24 5.10 20.93
C ASP A 160 -18.63 6.20 21.91
N PRO A 161 -17.83 6.46 22.98
CA PRO A 161 -18.13 7.57 23.88
C PRO A 161 -18.32 8.94 23.17
N GLU A 162 -17.56 9.26 22.10
CA GLU A 162 -17.67 10.57 21.39
C GLU A 162 -18.95 10.59 20.53
N THR A 163 -19.20 9.55 19.72
CA THR A 163 -20.37 9.48 18.80
C THR A 163 -21.66 9.11 19.57
N LYS A 164 -21.55 8.24 20.59
CA LYS A 164 -22.65 7.61 21.38
C LYS A 164 -23.34 6.46 20.61
N ALA A 165 -22.85 6.09 19.41
CA ALA A 165 -23.47 5.13 18.45
C ALA A 165 -22.69 3.81 18.45
N PRO A 166 -23.30 2.65 18.12
CA PRO A 166 -22.51 1.45 17.81
C PRO A 166 -21.40 1.68 16.76
N LEU A 167 -20.49 0.70 16.67
CA LEU A 167 -19.42 0.68 15.64
C LEU A 167 -19.79 -0.38 14.61
N ALA A 168 -19.60 -0.07 13.34
CA ALA A 168 -19.44 -1.01 12.20
C ALA A 168 -18.41 -2.07 12.61
N PRO A 169 -18.72 -3.38 12.52
CA PRO A 169 -17.70 -4.42 12.73
C PRO A 169 -16.41 -4.21 11.88
N LEU A 170 -16.59 -4.04 10.57
CA LEU A 170 -15.57 -3.83 9.52
C LEU A 170 -15.95 -2.63 8.65
N CYS A 171 -14.98 -1.76 8.35
CA CYS A 171 -15.10 -0.73 7.32
C CYS A 171 -14.14 -1.05 6.19
N THR A 172 -14.66 -1.15 4.99
CA THR A 172 -13.84 -1.28 3.77
C THR A 172 -14.56 -0.53 2.67
N PRO A 173 -13.82 0.09 1.74
CA PRO A 173 -14.46 0.92 0.73
C PRO A 173 -15.13 0.04 -0.35
N GLY A 174 -16.37 0.39 -0.73
CA GLY A 174 -17.04 -0.27 -1.87
C GLY A 174 -17.04 0.56 -3.16
N ARG A 175 -16.68 1.84 -3.11
CA ARG A 175 -16.51 2.64 -4.35
C ARG A 175 -15.41 1.99 -5.21
N THR A 176 -15.56 1.97 -6.54
CA THR A 176 -14.59 1.34 -7.48
C THR A 176 -13.20 1.74 -7.02
N PRO A 177 -12.34 0.81 -6.59
CA PRO A 177 -11.06 1.24 -6.06
C PRO A 177 -10.04 1.65 -7.13
N ARG A 178 -9.04 2.44 -6.74
CA ARG A 178 -7.89 2.76 -7.60
C ARG A 178 -7.04 1.50 -7.74
N THR A 179 -6.96 0.66 -6.71
CA THR A 179 -6.06 -0.50 -6.75
C THR A 179 -6.71 -1.75 -6.18
N LEU A 180 -6.06 -2.90 -6.42
CA LEU A 180 -6.41 -4.16 -5.72
C LEU A 180 -5.75 -4.34 -4.34
N HIS A 181 -5.16 -3.33 -3.71
CA HIS A 181 -4.39 -3.54 -2.45
C HIS A 181 -5.32 -4.12 -1.36
N ASN A 182 -6.58 -3.71 -1.31
CA ASN A 182 -7.55 -4.21 -0.28
C ASN A 182 -7.95 -5.65 -0.58
N ALA A 183 -8.12 -6.01 -1.85
CA ALA A 183 -8.64 -7.34 -2.27
C ALA A 183 -7.56 -8.43 -2.36
N ALA A 184 -6.31 -8.07 -2.75
CA ALA A 184 -5.23 -9.01 -3.07
C ALA A 184 -4.98 -9.98 -1.91
N PRO A 185 -4.97 -9.58 -0.61
CA PRO A 185 -4.73 -10.55 0.47
C PRO A 185 -5.76 -11.69 0.48
N TRP A 186 -7.02 -11.39 0.12
CA TRP A 186 -8.11 -12.40 0.10
C TRP A 186 -7.91 -13.33 -1.10
N ILE A 187 -7.54 -12.76 -2.24
CA ILE A 187 -7.20 -13.57 -3.44
C ILE A 187 -6.07 -14.53 -3.04
N TRP A 188 -4.98 -13.98 -2.53
CA TRP A 188 -3.76 -14.76 -2.23
C TRP A 188 -4.01 -15.81 -1.14
N GLY A 189 -4.65 -15.46 0.00
CA GLY A 189 -4.99 -16.39 1.10
C GLY A 189 -5.78 -17.62 0.65
N ALA A 190 -6.56 -17.50 -0.41
CA ALA A 190 -7.36 -18.60 -0.98
C ALA A 190 -6.51 -19.47 -1.91
N GLY A 191 -5.30 -19.01 -2.26
CA GLY A 191 -4.41 -19.78 -3.15
C GLY A 191 -4.45 -19.21 -4.56
N GLY A 192 -5.10 -18.07 -4.72
CA GLY A 192 -5.26 -17.38 -6.01
C GLY A 192 -4.15 -16.40 -6.37
N GLU A 193 -4.27 -15.78 -7.53
CA GLU A 193 -3.32 -14.71 -7.95
C GLU A 193 -4.00 -13.80 -8.96
N ILE A 194 -3.42 -12.63 -9.20
CA ILE A 194 -4.02 -11.66 -10.14
C ILE A 194 -3.63 -12.09 -11.54
N VAL A 195 -2.32 -12.20 -11.74
CA VAL A 195 -1.78 -12.75 -13.02
C VAL A 195 -0.85 -13.91 -12.66
N ARG A 196 -0.64 -14.81 -13.57
CA ARG A 196 0.28 -15.94 -13.33
C ARG A 196 1.13 -16.12 -14.58
N GLN A 197 2.42 -16.40 -14.39
CA GLN A 197 3.36 -16.71 -15.51
C GLN A 197 3.35 -18.23 -15.68
N ALA A 198 2.94 -18.71 -16.83
CA ALA A 198 2.90 -20.17 -17.09
C ALA A 198 2.97 -20.37 -18.60
N GLY A 199 3.62 -21.43 -19.05
CA GLY A 199 3.49 -21.84 -20.47
C GLY A 199 3.92 -20.72 -21.42
N GLY A 200 4.96 -19.96 -21.01
CA GLY A 200 5.68 -18.97 -21.80
C GLY A 200 5.17 -17.53 -21.66
N ARG A 201 4.20 -17.24 -20.76
CA ARG A 201 3.42 -15.98 -20.87
C ARG A 201 2.71 -15.64 -19.57
N TRP A 202 2.32 -14.37 -19.41
CA TRP A 202 1.53 -13.90 -18.24
C TRP A 202 0.09 -14.00 -18.64
N GLN A 203 -0.76 -14.49 -17.76
CA GLN A 203 -2.23 -14.52 -18.05
C GLN A 203 -2.99 -14.19 -16.78
N SER A 204 -4.24 -13.72 -16.91
CA SER A 204 -5.08 -13.41 -15.74
C SER A 204 -5.29 -14.71 -14.99
N ALA A 205 -5.30 -14.66 -13.67
CA ALA A 205 -5.76 -15.75 -12.80
C ALA A 205 -6.93 -15.24 -11.95
N LEU A 206 -7.53 -14.08 -12.27
CA LEU A 206 -8.61 -13.53 -11.41
C LEU A 206 -9.85 -14.44 -11.49
N ASN A 207 -10.02 -15.24 -12.55
CA ASN A 207 -11.21 -16.13 -12.66
C ASN A 207 -10.90 -17.58 -12.26
N SER A 208 -9.75 -17.88 -11.62
CA SER A 208 -9.45 -19.22 -11.08
C SER A 208 -10.40 -19.51 -9.93
N PRO A 209 -10.71 -20.80 -9.65
CA PRO A 209 -11.54 -21.12 -8.49
C PRO A 209 -10.99 -20.50 -7.19
N GLU A 210 -9.67 -20.45 -7.01
CA GLU A 210 -9.07 -19.99 -5.73
C GLU A 210 -9.28 -18.48 -5.68
N SER A 211 -8.95 -17.79 -6.76
CA SER A 211 -9.13 -16.31 -6.81
C SER A 211 -10.60 -15.98 -6.52
N LEU A 212 -11.54 -16.72 -7.14
CA LEU A 212 -12.99 -16.46 -6.93
C LEU A 212 -13.39 -16.81 -5.51
N GLU A 213 -12.80 -17.84 -4.90
CA GLU A 213 -13.16 -18.20 -3.49
C GLU A 213 -12.76 -17.03 -2.58
N GLY A 214 -11.55 -16.47 -2.68
CA GLY A 214 -11.09 -15.39 -1.80
C GLY A 214 -11.88 -14.11 -2.05
N LEU A 215 -12.08 -13.73 -3.29
CA LEU A 215 -12.84 -12.49 -3.60
C LEU A 215 -14.25 -12.59 -2.99
N TYR A 216 -14.88 -13.72 -3.19
CA TYR A 216 -16.27 -13.96 -2.70
C TYR A 216 -16.31 -13.97 -1.17
N PHE A 217 -15.32 -14.58 -0.52
CA PHE A 217 -15.24 -14.51 0.94
C PHE A 217 -15.31 -13.04 1.37
N PHE A 218 -14.48 -12.21 0.76
CA PHE A 218 -14.25 -10.80 1.16
C PHE A 218 -15.54 -10.02 0.88
N LEU A 219 -16.00 -10.08 -0.35
CA LEU A 219 -17.21 -9.29 -0.77
C LEU A 219 -18.41 -9.77 0.06
N SER A 220 -18.52 -11.07 0.37
CA SER A 220 -19.72 -11.57 1.09
C SER A 220 -19.76 -11.09 2.55
N LEU A 221 -18.64 -10.64 3.12
CA LEU A 221 -18.62 -10.06 4.50
C LEU A 221 -19.51 -8.82 4.54
N ALA A 222 -19.43 -8.00 3.52
CA ALA A 222 -20.26 -6.80 3.36
C ALA A 222 -21.71 -7.17 3.19
N GLN A 223 -21.96 -8.29 2.52
CA GLN A 223 -23.31 -8.70 2.11
C GLN A 223 -23.99 -9.36 3.30
N LYS A 224 -23.26 -9.87 4.30
CA LYS A 224 -23.86 -10.49 5.50
C LYS A 224 -23.98 -9.50 6.65
N GLY A 225 -23.88 -8.20 6.40
CA GLY A 225 -24.11 -7.12 7.40
C GLY A 225 -22.89 -6.79 8.26
N TYR A 226 -21.69 -7.29 7.94
CA TYR A 226 -20.44 -7.01 8.70
C TYR A 226 -19.85 -5.66 8.30
N VAL A 227 -20.27 -5.16 7.15
CA VAL A 227 -19.88 -3.85 6.61
C VAL A 227 -21.18 -3.15 6.35
N PRO A 228 -21.44 -1.99 6.98
CA PRO A 228 -22.69 -1.30 6.79
C PRO A 228 -22.76 -0.77 5.35
N ALA A 229 -23.98 -0.66 4.84
CA ALA A 229 -24.37 -0.04 3.56
C ALA A 229 -23.50 1.20 3.31
N GLU A 230 -23.36 2.13 4.27
CA GLU A 230 -22.74 3.48 4.01
C GLU A 230 -21.25 3.34 3.69
N SER A 231 -20.58 2.29 4.18
CA SER A 231 -19.17 2.00 3.81
C SER A 231 -19.06 1.58 2.34
N LEU A 232 -20.08 0.94 1.75
CA LEU A 232 -20.04 0.54 0.31
C LEU A 232 -19.99 1.79 -0.61
N GLU A 233 -20.54 2.91 -0.14
CA GLU A 233 -20.59 4.21 -0.89
C GLU A 233 -19.33 5.04 -0.59
N LYS A 234 -18.37 4.54 0.17
CA LYS A 234 -17.15 5.33 0.51
C LYS A 234 -15.89 4.79 -0.17
N ASN A 235 -14.88 5.66 -0.25
CA ASN A 235 -13.53 5.40 -0.83
C ASN A 235 -12.55 5.22 0.33
N THR A 236 -11.29 5.00 0.06
CA THR A 236 -10.29 4.70 1.13
C THR A 236 -10.20 5.87 2.11
N ALA A 237 -10.16 7.11 1.60
CA ALA A 237 -9.97 8.33 2.44
C ALA A 237 -11.16 8.47 3.40
N GLN A 238 -12.38 8.34 2.87
CA GLN A 238 -13.61 8.49 3.67
C GLN A 238 -13.73 7.32 4.65
N ILE A 239 -13.19 6.12 4.36
CA ILE A 239 -13.13 5.04 5.38
C ILE A 239 -12.07 5.37 6.47
N GLU A 240 -10.91 5.90 6.13
CA GLU A 240 -9.90 6.26 7.19
C GLU A 240 -10.59 7.23 8.16
N ALA A 241 -11.27 8.27 7.64
CA ALA A 241 -11.90 9.33 8.44
C ALA A 241 -12.89 8.68 9.41
N ASP A 242 -13.74 7.79 8.87
CA ASP A 242 -14.75 7.03 9.64
C ASP A 242 -14.07 6.33 10.83
N PHE A 243 -12.98 5.59 10.61
CA PHE A 243 -12.26 4.89 11.70
C PHE A 243 -11.77 5.87 12.76
N GLN A 244 -11.10 6.94 12.33
CA GLN A 244 -10.59 8.01 13.24
C GLN A 244 -11.77 8.55 14.06
N ALA A 245 -12.97 8.64 13.48
CA ALA A 245 -14.13 9.32 14.11
C ALA A 245 -15.01 8.33 14.88
N GLY A 246 -14.58 7.09 15.08
CA GLY A 246 -15.23 6.11 15.97
C GLY A 246 -16.40 5.35 15.36
N LYS A 247 -16.48 5.23 14.04
CA LYS A 247 -17.63 4.54 13.37
C LYS A 247 -17.27 3.08 13.03
N CYS A 248 -16.00 2.68 13.14
CA CYS A 248 -15.46 1.35 12.70
C CYS A 248 -14.68 0.64 13.81
N ALA A 249 -14.96 -0.64 14.06
CA ALA A 249 -14.17 -1.45 14.99
C ALA A 249 -12.88 -1.95 14.33
N VAL A 250 -12.89 -2.21 13.01
CA VAL A 250 -11.80 -2.92 12.27
C VAL A 250 -11.65 -2.28 10.86
N PHE A 251 -10.41 -1.95 10.47
CA PHE A 251 -10.17 -1.56 9.06
C PHE A 251 -8.70 -1.82 8.75
N ALA A 252 -8.47 -2.08 7.48
CA ALA A 252 -7.13 -2.43 6.97
C ALA A 252 -6.45 -1.15 6.48
N SER A 253 -5.23 -0.89 6.92
CA SER A 253 -4.39 0.17 6.33
C SER A 253 -2.90 -0.12 6.53
N GLY A 254 -2.09 0.87 6.18
CA GLY A 254 -0.64 0.81 6.24
C GLY A 254 -0.20 1.41 7.57
N PRO A 255 1.12 1.35 7.81
CA PRO A 255 1.68 1.76 9.09
C PRO A 255 1.58 3.25 9.43
N TRP A 256 1.34 4.11 8.45
CA TRP A 256 1.25 5.59 8.63
C TRP A 256 0.13 5.97 9.60
N MET A 257 -0.86 5.12 9.81
CA MET A 257 -1.96 5.46 10.74
C MET A 257 -1.42 5.55 12.17
N ILE A 258 -0.41 4.75 12.49
CA ILE A 258 0.22 4.79 13.82
C ILE A 258 0.75 6.21 14.04
N GLN A 259 1.53 6.73 13.08
CA GLN A 259 2.07 8.12 13.07
C GLN A 259 0.89 9.12 13.15
N ARG A 260 -0.08 9.07 12.24
CA ARG A 260 -1.21 10.04 12.22
C ARG A 260 -1.86 10.05 13.61
N ALA A 261 -1.86 8.90 14.25
CA ALA A 261 -2.56 8.67 15.54
C ALA A 261 -1.82 9.39 16.67
N GLN A 262 -0.53 9.77 16.50
CA GLN A 262 0.32 10.53 17.48
C GLN A 262 0.34 12.04 17.15
N VAL A 263 -0.35 12.46 16.09
CA VAL A 263 -0.41 13.86 15.60
C VAL A 263 -1.79 14.44 15.97
N PRO A 264 -1.87 15.59 16.68
CA PRO A 264 -3.17 16.21 16.97
C PRO A 264 -3.99 16.51 15.70
N GLU A 265 -5.32 16.64 15.85
CA GLU A 265 -6.27 16.84 14.70
C GLU A 265 -5.91 18.14 13.96
N ALA A 266 -5.53 19.20 14.69
CA ALA A 266 -5.04 20.49 14.15
C ALA A 266 -3.81 20.29 13.23
N LYS A 267 -3.09 19.15 13.31
CA LYS A 267 -1.82 18.90 12.57
C LYS A 267 -2.05 17.87 11.45
N GLY A 268 -3.31 17.56 11.16
CA GLY A 268 -3.69 16.56 10.14
C GLY A 268 -3.68 15.14 10.69
N GLY A 269 -3.86 14.98 12.02
CA GLY A 269 -3.73 13.71 12.75
C GLY A 269 -5.01 13.43 13.50
N PHE A 270 -5.02 12.53 14.50
CA PHE A 270 -6.23 12.19 15.29
C PHE A 270 -5.94 11.76 16.74
N ALA A 271 -4.81 12.13 17.33
CA ALA A 271 -4.40 11.72 18.71
C ALA A 271 -5.53 11.94 19.75
N GLU A 272 -6.35 12.97 19.59
CA GLU A 272 -7.35 13.33 20.64
C GLU A 272 -8.62 12.47 20.48
N ARG A 273 -8.75 11.64 19.44
CA ARG A 273 -9.95 10.77 19.26
C ARG A 273 -9.80 9.49 20.10
N THR A 274 -10.93 8.87 20.48
CA THR A 274 -11.01 7.58 21.21
C THR A 274 -10.25 6.49 20.41
N ALA A 275 -10.44 6.44 19.10
CA ALA A 275 -9.78 5.40 18.25
C ALA A 275 -8.27 5.38 18.52
N ALA A 276 -7.64 6.56 18.58
CA ALA A 276 -6.16 6.68 18.75
C ALA A 276 -5.78 6.20 20.15
N LYS A 277 -6.71 6.25 21.10
CA LYS A 277 -6.43 5.97 22.52
C LYS A 277 -6.70 4.50 22.82
N ASN A 278 -7.28 3.79 21.86
CA ASN A 278 -7.67 2.37 22.02
C ASN A 278 -7.31 1.61 20.74
N LEU A 279 -6.06 1.78 20.23
CA LEU A 279 -5.60 1.34 18.89
C LEU A 279 -4.86 0.01 19.07
N GLY A 280 -5.30 -1.03 18.37
CA GLY A 280 -4.56 -2.29 18.20
C GLY A 280 -4.24 -2.50 16.74
N VAL A 281 -3.24 -3.35 16.49
CA VAL A 281 -2.92 -3.79 15.11
C VAL A 281 -2.81 -5.30 15.10
N ALA A 282 -3.33 -5.95 14.07
CA ALA A 282 -3.23 -7.41 13.90
C ALA A 282 -3.00 -7.69 12.42
N PRO A 283 -2.25 -8.76 12.10
CA PRO A 283 -2.00 -9.13 10.71
C PRO A 283 -3.27 -9.64 10.06
N TYR A 284 -3.27 -9.68 8.73
CA TYR A 284 -4.31 -10.41 7.96
C TYR A 284 -4.36 -11.83 8.49
N PRO A 285 -5.58 -12.42 8.56
CA PRO A 285 -5.67 -13.82 8.96
C PRO A 285 -5.16 -14.74 7.84
N ALA A 286 -4.74 -15.94 8.24
CA ALA A 286 -4.39 -17.03 7.31
C ALA A 286 -5.66 -17.42 6.49
N GLY A 287 -5.57 -17.51 5.17
CA GLY A 287 -6.63 -18.13 4.39
C GLY A 287 -6.44 -19.64 4.29
N PRO A 288 -7.31 -20.34 3.53
CA PRO A 288 -7.17 -21.79 3.38
C PRO A 288 -5.80 -22.20 2.82
N LYS A 289 -5.16 -21.34 2.02
CA LYS A 289 -3.89 -21.73 1.35
C LYS A 289 -2.72 -20.91 1.85
N GLY A 290 -2.83 -20.15 2.92
CA GLY A 290 -1.67 -19.44 3.46
C GLY A 290 -2.02 -18.05 3.92
N ARG A 291 -1.01 -17.33 4.36
CA ARG A 291 -1.16 -16.03 5.01
C ARG A 291 -0.37 -15.03 4.17
N TYR A 292 -1.06 -13.98 3.68
CA TYR A 292 -0.43 -12.99 2.78
C TYR A 292 -0.98 -11.60 3.09
N THR A 293 -0.19 -10.56 2.84
CA THR A 293 -0.72 -9.19 2.81
C THR A 293 -0.04 -8.50 1.64
N PHE A 294 -0.58 -7.34 1.30
CA PHE A 294 0.01 -6.49 0.26
C PHE A 294 1.27 -5.85 0.83
N PHE A 295 2.36 -5.99 0.13
CA PHE A 295 3.64 -5.33 0.48
C PHE A 295 4.02 -4.38 -0.65
N GLY A 296 4.16 -3.14 -0.27
CA GLY A 296 4.33 -2.04 -1.22
C GLY A 296 5.44 -1.09 -0.86
N GLY A 297 5.23 0.16 -1.22
CA GLY A 297 6.18 1.23 -0.91
C GLY A 297 6.51 2.02 -2.16
N SER A 298 7.54 2.84 -2.04
CA SER A 298 7.98 3.77 -3.12
C SER A 298 9.48 3.69 -3.30
N ASN A 299 9.85 3.92 -4.55
CA ASN A 299 11.26 4.04 -4.98
C ASN A 299 11.50 5.43 -5.50
N LEU A 300 12.76 5.72 -5.89
CA LEU A 300 13.17 6.97 -6.53
C LEU A 300 13.88 6.62 -7.82
N ALA A 301 13.50 7.33 -8.87
CA ALA A 301 14.05 7.15 -10.22
C ALA A 301 14.65 8.46 -10.71
N LEU A 302 15.68 8.33 -11.50
CA LEU A 302 16.36 9.46 -12.15
C LEU A 302 15.99 9.48 -13.63
N PHE A 303 15.51 10.58 -14.17
CA PHE A 303 15.17 10.61 -15.60
C PHE A 303 16.46 10.69 -16.40
N ASN A 304 16.55 9.98 -17.51
CA ASN A 304 17.80 9.97 -18.31
C ASN A 304 18.04 11.29 -19.06
N PHE A 305 17.04 12.18 -19.12
CA PHE A 305 17.19 13.54 -19.71
C PHE A 305 17.64 14.57 -18.66
N SER A 306 17.82 14.24 -17.37
CA SER A 306 18.35 15.13 -16.31
C SER A 306 19.69 15.71 -16.74
N LYS A 307 19.85 17.01 -16.56
CA LYS A 307 21.11 17.76 -16.71
C LYS A 307 21.93 17.72 -15.42
N ASN A 308 21.51 16.94 -14.41
CA ASN A 308 22.23 16.88 -13.10
C ASN A 308 22.41 15.43 -12.65
N LYS A 309 22.74 14.50 -13.53
CA LYS A 309 22.75 13.05 -13.15
C LYS A 309 23.74 12.77 -12.01
N PRO A 310 24.97 13.30 -12.04
CA PRO A 310 25.94 13.00 -10.95
C PRO A 310 25.42 13.43 -9.57
N LEU A 311 24.91 14.66 -9.44
CA LEU A 311 24.37 15.16 -8.15
C LEU A 311 23.13 14.34 -7.76
N ALA A 312 22.28 14.05 -8.72
CA ALA A 312 21.06 13.28 -8.50
C ALA A 312 21.43 11.91 -7.95
N LYS A 313 22.49 11.28 -8.47
CA LYS A 313 22.88 9.94 -7.97
C LYS A 313 23.44 10.06 -6.55
N GLU A 314 24.17 11.11 -6.21
CA GLU A 314 24.60 11.31 -4.80
C GLU A 314 23.34 11.48 -3.94
N LEU A 315 22.32 12.16 -4.47
CA LEU A 315 21.07 12.31 -3.66
C LEU A 315 20.39 10.94 -3.48
N LEU A 316 20.30 10.09 -4.50
CA LEU A 316 19.66 8.76 -4.38
C LEU A 316 20.44 7.96 -3.36
N LYS A 317 21.77 8.06 -3.37
CA LYS A 317 22.57 7.30 -2.39
C LYS A 317 22.28 7.80 -0.96
N TYR A 318 22.11 9.09 -0.80
CA TYR A 318 21.82 9.75 0.49
C TYR A 318 20.44 9.27 1.00
N LEU A 319 19.44 9.42 0.17
CA LEU A 319 18.02 9.06 0.47
C LEU A 319 17.90 7.56 0.68
N GLY A 320 18.72 6.76 0.03
CA GLY A 320 18.68 5.30 0.14
C GLY A 320 19.44 4.74 1.34
N GLY A 321 20.28 5.54 2.00
CA GLY A 321 21.25 5.07 2.99
C GLY A 321 20.65 5.05 4.39
N PRO A 322 21.34 4.38 5.34
CA PRO A 322 20.73 4.13 6.63
C PRO A 322 20.21 5.35 7.40
N GLU A 323 21.00 6.42 7.48
CA GLU A 323 20.62 7.56 8.35
C GLU A 323 19.31 8.17 7.79
N ALA A 324 19.29 8.48 6.50
CA ALA A 324 18.10 9.15 5.90
C ALA A 324 16.89 8.19 5.89
N GLN A 325 17.14 6.87 5.77
CA GLN A 325 16.11 5.81 5.78
C GLN A 325 15.39 5.85 7.12
N VAL A 326 16.11 5.83 8.24
CA VAL A 326 15.48 5.96 9.59
C VAL A 326 14.71 7.30 9.72
N ARG A 327 15.35 8.41 9.40
CA ARG A 327 14.80 9.79 9.62
C ARG A 327 13.47 9.96 8.85
N TYR A 328 13.42 9.51 7.59
CA TYR A 328 12.26 9.71 6.70
C TYR A 328 11.14 8.78 7.18
N ALA A 329 11.47 7.54 7.53
CA ALA A 329 10.51 6.59 8.16
C ALA A 329 9.91 7.17 9.42
N GLN A 330 10.72 7.82 10.25
CA GLN A 330 10.26 8.49 11.48
C GLN A 330 9.21 9.55 11.12
N MET A 331 9.40 10.33 10.05
CA MET A 331 8.46 11.47 9.76
C MET A 331 7.20 10.95 9.06
N THR A 332 7.31 9.87 8.27
CA THR A 332 6.22 9.33 7.42
C THR A 332 5.37 8.23 8.10
N GLY A 333 5.91 7.53 9.07
CA GLY A 333 5.32 6.32 9.64
C GLY A 333 5.45 5.12 8.74
N MET A 334 6.31 5.16 7.75
CA MET A 334 6.53 4.02 6.85
C MET A 334 7.66 3.18 7.44
N LEU A 335 8.04 2.09 6.78
CA LEU A 335 9.26 1.36 7.17
C LEU A 335 10.35 1.67 6.19
N PRO A 336 11.63 1.64 6.62
CA PRO A 336 12.70 1.82 5.67
C PRO A 336 12.65 0.72 4.59
N ALA A 337 13.23 1.05 3.42
CA ALA A 337 13.47 0.09 2.33
C ALA A 337 14.64 -0.82 2.72
N LEU A 338 15.63 -0.30 3.42
CA LEU A 338 16.90 -1.02 3.71
C LEU A 338 16.70 -1.91 4.93
N ARG A 339 16.89 -3.24 4.76
CA ARG A 339 16.66 -4.27 5.80
C ARG A 339 17.31 -3.82 7.12
N SER A 340 18.53 -3.33 7.11
CA SER A 340 19.30 -3.10 8.36
C SER A 340 18.61 -2.00 9.21
N ALA A 341 17.87 -1.07 8.55
CA ALA A 341 17.39 0.14 9.23
C ALA A 341 16.19 -0.24 10.12
N TRP A 342 15.59 -1.42 9.94
CA TRP A 342 14.45 -1.87 10.79
C TRP A 342 14.83 -2.04 12.28
N SER A 343 16.11 -2.22 12.62
CA SER A 343 16.53 -2.41 14.03
C SER A 343 16.50 -1.10 14.78
N ASP A 344 16.25 0.02 14.10
CA ASP A 344 16.30 1.29 14.86
C ASP A 344 15.31 1.21 16.03
N PRO A 345 15.66 1.72 17.23
CA PRO A 345 14.77 1.62 18.38
C PRO A 345 13.38 2.27 18.15
N SER A 346 13.36 3.28 17.28
CA SER A 346 12.11 4.01 16.94
C SER A 346 11.12 3.05 16.30
N PHE A 347 11.57 2.01 15.58
CA PHE A 347 10.68 0.96 15.06
C PHE A 347 10.50 -0.15 16.11
N GLN A 348 11.56 -0.55 16.81
CA GLN A 348 11.49 -1.74 17.70
C GLN A 348 10.82 -1.41 19.03
N GLN A 349 10.76 -0.16 19.45
CA GLN A 349 10.13 0.14 20.78
C GLN A 349 8.69 0.60 20.61
N ASN A 350 8.13 0.53 19.38
CA ASN A 350 6.70 0.81 19.13
C ASN A 350 5.96 -0.53 18.96
N PRO A 351 5.16 -0.99 19.94
CA PRO A 351 4.52 -2.30 19.83
C PRO A 351 3.60 -2.43 18.59
N LEU A 352 2.95 -1.35 18.13
CA LEU A 352 2.12 -1.44 16.89
C LEU A 352 3.00 -1.63 15.65
N LEU A 353 4.09 -0.87 15.53
CA LEU A 353 5.07 -1.00 14.42
C LEU A 353 5.71 -2.40 14.42
N ARG A 354 6.07 -2.97 15.56
CA ARG A 354 6.65 -4.34 15.61
C ARG A 354 5.67 -5.36 15.01
N THR A 355 4.36 -5.21 15.21
CA THR A 355 3.37 -6.08 14.56
C THR A 355 3.47 -5.97 13.03
N PHE A 356 3.62 -4.77 12.47
CA PHE A 356 3.86 -4.60 10.99
C PHE A 356 5.15 -5.27 10.56
N ILE A 357 6.19 -5.14 11.38
CA ILE A 357 7.50 -5.77 11.09
C ILE A 357 7.32 -7.30 10.97
N GLN A 358 6.68 -7.93 11.96
CA GLN A 358 6.34 -9.38 12.00
C GLN A 358 5.45 -9.76 10.80
N ALA A 359 4.48 -8.92 10.44
CA ALA A 359 3.54 -9.18 9.33
C ALA A 359 4.27 -9.16 8.00
N ALA A 360 5.46 -8.57 7.90
CA ALA A 360 6.22 -8.52 6.62
C ALA A 360 6.75 -9.90 6.20
N GLN A 361 6.87 -10.87 7.08
CA GLN A 361 7.15 -12.27 6.67
C GLN A 361 6.13 -12.75 5.62
N PHE A 362 4.89 -12.26 5.65
CA PHE A 362 3.76 -12.73 4.79
C PHE A 362 3.46 -11.73 3.68
N GLY A 363 4.28 -10.67 3.57
CA GLY A 363 4.26 -9.68 2.48
C GLY A 363 4.36 -10.34 1.11
N ARG A 364 3.57 -9.88 0.17
CA ARG A 364 3.53 -10.36 -1.22
C ARG A 364 3.38 -9.14 -2.11
N THR A 365 4.13 -9.10 -3.20
CA THR A 365 4.15 -7.94 -4.13
C THR A 365 3.60 -8.33 -5.48
N TYR A 366 3.28 -7.37 -6.29
CA TYR A 366 2.86 -7.63 -7.67
C TYR A 366 4.11 -7.80 -8.51
N PRO A 367 4.03 -8.54 -9.62
CA PRO A 367 5.14 -8.56 -10.58
C PRO A 367 5.34 -7.18 -11.22
N SER A 368 6.61 -6.82 -11.51
CA SER A 368 6.96 -5.46 -12.03
CA SER A 368 6.98 -5.47 -12.02
C SER A 368 6.82 -5.42 -13.54
N LEU A 369 5.58 -5.48 -14.02
CA LEU A 369 5.33 -5.65 -15.45
C LEU A 369 5.14 -4.28 -16.06
N ALA A 370 5.56 -4.15 -17.32
CA ALA A 370 5.31 -2.96 -18.15
C ALA A 370 3.81 -2.64 -18.15
N GLY A 371 2.97 -3.64 -18.37
CA GLY A 371 1.51 -3.45 -18.53
C GLY A 371 0.73 -3.46 -17.21
N TRP A 372 1.40 -3.32 -16.07
CA TRP A 372 0.73 -3.60 -14.77
C TRP A 372 -0.45 -2.65 -14.55
N GLY A 373 -0.29 -1.39 -14.93
CA GLY A 373 -1.33 -0.38 -14.71
C GLY A 373 -2.59 -0.78 -15.44
N GLY A 374 -2.47 -1.25 -16.68
CA GLY A 374 -3.66 -1.57 -17.46
C GLY A 374 -4.31 -2.82 -16.90
N VAL A 375 -3.52 -3.76 -16.38
CA VAL A 375 -4.08 -4.98 -15.73
C VAL A 375 -4.89 -4.57 -14.49
N GLU A 376 -4.30 -3.77 -13.61
CA GLU A 376 -4.98 -3.37 -12.34
C GLU A 376 -6.23 -2.54 -12.65
N ASN A 377 -6.13 -1.64 -13.62
CA ASN A 377 -7.27 -0.82 -14.08
C ASN A 377 -8.45 -1.69 -14.54
N LEU A 378 -8.19 -2.70 -15.32
CA LEU A 378 -9.27 -3.58 -15.82
C LEU A 378 -9.83 -4.35 -14.63
N ALA A 379 -8.96 -4.77 -13.72
CA ALA A 379 -9.38 -5.60 -12.56
C ALA A 379 -10.29 -4.77 -11.65
N VAL A 380 -9.93 -3.52 -11.35
CA VAL A 380 -10.64 -2.68 -10.36
C VAL A 380 -12.00 -2.26 -10.97
N GLN A 381 -12.03 -1.99 -12.26
CA GLN A 381 -13.33 -1.68 -12.95
C GLN A 381 -14.30 -2.84 -12.76
N HIS A 382 -13.85 -4.08 -12.99
CA HIS A 382 -14.74 -5.25 -12.82
C HIS A 382 -15.04 -5.47 -11.34
N LEU A 383 -14.08 -5.24 -10.44
CA LEU A 383 -14.34 -5.41 -8.99
C LEU A 383 -15.35 -4.39 -8.52
N GLY A 384 -15.30 -3.18 -9.06
CA GLY A 384 -16.31 -2.16 -8.70
C GLY A 384 -17.72 -2.59 -9.09
N MET A 385 -17.90 -3.23 -10.22
CA MET A 385 -19.21 -3.84 -10.60
C MET A 385 -19.62 -4.89 -9.57
N ALA A 386 -18.68 -5.66 -9.04
CA ALA A 386 -19.04 -6.69 -8.03
C ALA A 386 -19.52 -5.99 -6.75
N TRP A 387 -18.86 -4.91 -6.33
CA TRP A 387 -19.30 -4.09 -5.16
C TRP A 387 -20.72 -3.50 -5.37
N ASP A 388 -21.06 -3.10 -6.58
CA ASP A 388 -22.41 -2.58 -6.87
C ASP A 388 -23.43 -3.71 -6.71
N LEU A 389 -23.11 -4.96 -7.09
CA LEU A 389 -24.00 -6.13 -6.82
C LEU A 389 -24.08 -6.32 -5.30
N VAL A 390 -22.99 -6.15 -4.58
CA VAL A 390 -23.08 -6.24 -3.08
C VAL A 390 -24.09 -5.24 -2.51
N ALA A 391 -24.14 -4.03 -3.07
CA ALA A 391 -25.04 -2.93 -2.62
C ALA A 391 -26.51 -3.33 -2.82
N GLN A 392 -26.79 -4.30 -3.68
CA GLN A 392 -28.12 -4.83 -4.00
C GLN A 392 -28.40 -6.13 -3.25
N GLY A 393 -27.42 -6.71 -2.58
CA GLY A 393 -27.59 -8.03 -1.95
C GLY A 393 -27.56 -9.12 -3.00
N ARG A 394 -26.94 -8.88 -4.16
CA ARG A 394 -27.07 -9.82 -5.30
C ARG A 394 -25.70 -10.27 -5.79
N LEU A 395 -24.67 -10.19 -4.95
CA LEU A 395 -23.38 -10.78 -5.40
C LEU A 395 -23.47 -12.28 -5.13
N THR A 396 -23.59 -13.05 -6.18
CA THR A 396 -23.58 -14.52 -6.15
C THR A 396 -22.24 -15.02 -6.66
N ARG A 397 -21.88 -16.26 -6.31
CA ARG A 397 -20.64 -16.90 -6.84
C ARG A 397 -20.70 -16.85 -8.38
N GLU A 398 -21.86 -17.08 -8.99
CA GLU A 398 -21.96 -17.09 -10.48
C GLU A 398 -21.81 -15.65 -11.06
N ALA A 399 -22.39 -14.64 -10.43
CA ALA A 399 -22.30 -13.23 -10.89
C ALA A 399 -20.83 -12.75 -10.82
N LEU A 400 -20.15 -13.10 -9.73
CA LEU A 400 -18.69 -12.77 -9.57
C LEU A 400 -17.88 -13.47 -10.66
N LYS A 401 -18.12 -14.74 -10.89
CA LYS A 401 -17.38 -15.50 -11.92
C LYS A 401 -17.57 -14.82 -13.27
N ASP A 402 -18.79 -14.46 -13.67
CA ASP A 402 -19.04 -13.85 -15.01
C ASP A 402 -18.28 -12.51 -15.08
N LEU A 403 -18.21 -11.75 -13.98
CA LEU A 403 -17.50 -10.46 -13.99
C LEU A 403 -16.02 -10.74 -14.13
N MET A 404 -15.47 -11.70 -13.36
CA MET A 404 -14.01 -11.98 -13.40
C MET A 404 -13.64 -12.70 -14.71
N ASP A 405 -14.51 -13.51 -15.32
CA ASP A 405 -14.30 -14.01 -16.71
C ASP A 405 -14.19 -12.85 -17.71
N LYS A 406 -15.01 -11.80 -17.63
CA LYS A 406 -14.88 -10.63 -18.53
C LYS A 406 -13.57 -9.88 -18.25
N ALA A 407 -13.22 -9.72 -16.98
CA ALA A 407 -11.96 -9.05 -16.61
C ALA A 407 -10.78 -9.88 -17.17
N SER A 408 -10.80 -11.20 -16.99
CA SER A 408 -9.69 -12.05 -17.49
C SER A 408 -9.52 -11.92 -19.01
N ALA A 409 -10.61 -11.83 -19.76
CA ALA A 409 -10.56 -11.84 -21.25
C ALA A 409 -9.90 -10.53 -21.67
N ALA A 410 -10.28 -9.43 -21.02
CA ALA A 410 -9.74 -8.08 -21.34
C ALA A 410 -8.28 -7.92 -20.84
N ILE A 411 -7.92 -8.51 -19.69
CA ILE A 411 -6.51 -8.56 -19.20
C ILE A 411 -5.67 -9.41 -20.16
N ASN A 412 -6.12 -10.62 -20.55
CA ASN A 412 -5.38 -11.54 -21.44
C ASN A 412 -5.14 -10.84 -22.78
N GLN A 413 -6.16 -10.15 -23.28
CA GLN A 413 -6.09 -9.22 -24.44
C GLN A 413 -4.99 -8.17 -24.23
N ALA A 414 -5.03 -7.41 -23.14
CA ALA A 414 -4.03 -6.34 -22.90
C ALA A 414 -2.61 -6.95 -22.83
N LEU A 415 -2.42 -8.13 -22.25
CA LEU A 415 -1.07 -8.72 -22.01
C LEU A 415 -0.42 -9.22 -23.32
N ARG A 416 -1.15 -9.35 -24.42
CA ARG A 416 -0.59 -9.67 -25.77
C ARG A 416 -0.88 -8.50 -26.73
C2 BGC B . -5.43 13.05 6.26
C3 BGC B . -4.63 12.57 5.04
C4 BGC B . -4.15 11.10 5.13
C5 BGC B . -5.19 10.18 5.83
C6 BGC B . -4.57 8.95 6.50
C1 BGC B . -6.55 12.03 6.51
O1 BGC B . -7.49 12.47 7.52
O2 BGC B . -6.01 14.34 6.06
O3 BGC B . -3.48 13.41 4.86
O4 BGC B . -3.79 10.64 3.79
O5 BGC B . -5.91 10.81 6.90
O6 BGC B . -3.50 9.37 7.36
C2 BGC B . -2.69 9.11 2.26
C3 BGC B . -1.62 8.01 2.13
C4 BGC B . -0.32 8.57 2.72
C5 BGC B . -0.51 9.08 4.18
C6 BGC B . 0.70 9.76 4.80
C1 BGC B . -2.83 9.56 3.71
O2 BGC B . -3.93 8.64 1.70
O3 BGC B . -1.55 7.70 0.72
O4 BGC B . 0.75 7.65 2.61
O5 BGC B . -1.57 10.05 4.18
O6 BGC B . 0.49 10.27 6.14
C2 BGC B . -1.70 6.23 -1.14
C3 BGC B . -1.35 4.83 -1.62
C4 BGC B . 0.09 4.51 -1.21
C5 BGC B . 0.25 4.58 0.28
C6 BGC B . 1.67 4.37 0.75
C1 BGC B . -1.46 6.31 0.36
O2 BGC B . -3.05 6.54 -1.53
O3 BGC B . -1.50 4.67 -3.04
O4 BGC B . 0.31 3.19 -1.60
O5 BGC B . -0.13 5.89 0.71
O6 BGC B . 2.59 5.32 0.16
C2 BGC B . 1.87 1.68 -2.62
C3 BGC B . 2.71 1.38 -3.87
C4 BGC B . 1.88 1.58 -5.13
C5 BGC B . 1.08 2.90 -5.10
C6 BGC B . 0.13 3.17 -6.25
C1 BGC B . 1.19 3.01 -2.72
O2 BGC B . 2.71 1.57 -1.50
O3 BGC B . 3.20 0.05 -3.77
O4 BGC B . 2.68 1.51 -6.31
O5 BGC B . 0.34 2.93 -3.88
O6 BGC B . -0.95 2.26 -6.26
CL CL C . -0.57 -11.57 -8.25
S SO2 D . -9.58 5.28 -3.77
O1 SO2 D . -9.36 3.91 -4.11
O2 SO2 D . -9.89 5.46 -2.39
C CO3 E . -5.54 11.83 -3.53
O1 CO3 E . -5.79 12.81 -2.74
O2 CO3 E . -5.67 10.65 -3.13
O3 CO3 E . -5.15 12.06 -4.72
C1 EDO F . 14.52 -6.29 6.95
O1 EDO F . 13.75 -5.72 5.90
C2 EDO F . 13.75 -7.05 7.97
O2 EDO F . 14.10 -6.68 9.31
C1 EDO G . -22.28 -16.76 1.57
O1 EDO G . -23.66 -16.49 1.57
C2 EDO G . -21.85 -17.87 2.46
O2 EDO G . -21.30 -18.98 1.76
P PO4 H . -4.84 1.95 -1.74
O1 PO4 H . -5.34 3.18 -0.95
O2 PO4 H . -5.09 2.16 -3.28
O3 PO4 H . -5.61 0.70 -1.31
O4 PO4 H . -3.37 1.75 -1.47
#